data_5FX3
#
_entry.id   5FX3
#
_cell.length_a   54.180
_cell.length_b   54.180
_cell.length_c   257.950
_cell.angle_alpha   90.00
_cell.angle_beta   90.00
_cell.angle_gamma   120.00
#
_symmetry.space_group_name_H-M   'P 65 2 2'
#
loop_
_entity.id
_entity.type
_entity.pdbx_description
1 polymer FimH
2 non-polymer '{[-(BIS-CARBOXYMETHYL-AMINO)-ETHYL]-CARBOXYMETHYL-AMINO}-ACETIC ACID'
3 water water
#
_entity_poly.entity_id   1
_entity_poly.type   'polypeptide(L)'
_entity_poly.pdbx_seq_one_letter_code
;FAC(ALY)TANGTAIPIGGGSANVYVNLAPVVNVGQNLVVDLSTQIFCHNDYPETITDYVTLQRGSAYGGVLSNFSGTVK
YSGSSYPFPTTSETPRVVYNSRTDKPWPVALYLTPVSSAGGVAIKAGSLIAVLILRQTNNANSDDFQFVWNIYANNDVVV
PT
;
_entity_poly.pdbx_strand_id   A
#
# COMPACT_ATOMS: atom_id res chain seq x y z
N PHE A 1 6.81 17.93 3.10
CA PHE A 1 5.94 16.74 2.82
C PHE A 1 6.22 15.67 3.84
N ALA A 2 5.16 15.13 4.43
CA ALA A 2 5.25 14.10 5.45
C ALA A 2 3.95 13.29 5.46
N CYS A 3 4.02 12.09 6.03
CA CYS A 3 2.92 11.16 6.00
CA CYS A 3 2.93 11.14 6.00
C CYS A 3 2.66 10.61 7.38
N THR A 5 0.20 7.32 9.51
CA THR A 5 -0.72 6.18 9.42
C THR A 5 -1.96 6.48 10.24
N ALA A 6 -2.98 5.62 10.06
CA ALA A 6 -4.25 5.82 10.74
C ALA A 6 -4.10 5.77 12.26
N ASN A 7 -3.12 5.03 12.77
CA ASN A 7 -2.90 5.00 14.21
C ASN A 7 -1.91 6.07 14.68
N GLY A 8 -1.43 6.95 13.78
CA GLY A 8 -0.66 8.11 14.16
C GLY A 8 0.86 8.03 13.98
N THR A 9 1.40 6.90 13.51
CA THR A 9 2.82 6.82 13.22
C THR A 9 3.18 7.72 12.04
N ALA A 10 4.17 8.58 12.23
CA ALA A 10 4.56 9.53 11.20
C ALA A 10 5.84 9.08 10.50
N ILE A 11 5.94 9.43 9.21
CA ILE A 11 7.24 9.48 8.55
C ILE A 11 7.51 10.95 8.21
N PRO A 12 8.61 11.52 8.66
CA PRO A 12 8.79 12.96 8.51
C PRO A 12 9.38 13.36 7.18
N ILE A 13 9.50 14.67 6.96
CA ILE A 13 10.19 15.24 5.80
C ILE A 13 11.47 14.47 5.54
N GLY A 14 11.70 14.10 4.27
CA GLY A 14 12.91 13.40 3.89
C GLY A 14 12.75 11.90 3.80
N GLY A 15 11.63 11.37 4.27
CA GLY A 15 11.33 9.97 4.15
C GLY A 15 11.75 9.17 5.36
N GLY A 16 11.67 7.85 5.17
CA GLY A 16 11.85 6.93 6.26
C GLY A 16 10.95 5.75 6.05
N SER A 17 10.67 5.03 7.14
CA SER A 17 9.82 3.85 7.06
C SER A 17 8.94 3.78 8.29
N ALA A 18 7.86 3.02 8.14
CA ALA A 18 6.90 2.80 9.21
C ALA A 18 6.22 1.46 8.97
N ASN A 19 5.73 0.86 10.05
CA ASN A 19 4.86 -0.30 9.96
C ASN A 19 3.39 0.11 9.95
N VAL A 20 2.61 -0.62 9.14
CA VAL A 20 1.16 -0.44 9.00
C VAL A 20 0.51 -1.80 9.27
N TYR A 21 -0.39 -1.86 10.26
CA TYR A 21 -1.08 -3.08 10.64
C TYR A 21 -2.52 -2.99 10.17
N VAL A 22 -2.94 -3.94 9.34
CA VAL A 22 -4.20 -3.82 8.63
CA VAL A 22 -4.20 -3.83 8.62
C VAL A 22 -5.09 -5.01 8.94
N ASN A 23 -6.37 -4.72 9.16
CA ASN A 23 -7.34 -5.79 9.28
C ASN A 23 -7.67 -6.28 7.88
N LEU A 24 -7.76 -7.60 7.73
CA LEU A 24 -8.09 -8.23 6.46
C LEU A 24 -9.37 -9.03 6.58
N ALA A 25 -10.11 -9.14 5.49
CA ALA A 25 -11.25 -10.05 5.46
C ALA A 25 -10.77 -11.42 5.92
N PRO A 26 -11.38 -12.04 6.93
CA PRO A 26 -10.81 -13.29 7.45
C PRO A 26 -11.02 -14.50 6.55
N VAL A 27 -11.83 -14.35 5.50
CA VAL A 27 -12.07 -15.44 4.56
CA VAL A 27 -12.08 -15.43 4.55
C VAL A 27 -12.18 -14.82 3.16
N VAL A 28 -11.65 -15.54 2.17
CA VAL A 28 -11.74 -15.15 0.77
C VAL A 28 -11.79 -16.44 -0.04
N ASN A 29 -12.85 -16.58 -0.82
CA ASN A 29 -13.05 -17.76 -1.63
C ASN A 29 -12.30 -17.66 -2.95
N VAL A 30 -11.90 -18.80 -3.48
CA VAL A 30 -11.41 -18.87 -4.85
C VAL A 30 -12.35 -18.07 -5.73
N GLY A 31 -11.79 -17.22 -6.60
CA GLY A 31 -12.59 -16.42 -7.51
C GLY A 31 -13.02 -15.07 -6.98
N GLN A 32 -12.77 -14.76 -5.71
CA GLN A 32 -13.07 -13.50 -5.06
CA GLN A 32 -13.07 -13.45 -5.19
C GLN A 32 -11.79 -12.71 -4.86
N ASN A 33 -11.93 -11.40 -4.63
CA ASN A 33 -10.79 -10.56 -4.30
C ASN A 33 -10.74 -10.25 -2.81
N LEU A 34 -9.55 -10.35 -2.25
CA LEU A 34 -9.24 -9.75 -0.96
CA LEU A 34 -9.24 -9.75 -0.96
C LEU A 34 -8.74 -8.34 -1.24
N VAL A 35 -9.39 -7.35 -0.64
CA VAL A 35 -9.04 -5.95 -0.88
C VAL A 35 -8.26 -5.42 0.32
N VAL A 36 -7.07 -4.92 0.08
CA VAL A 36 -6.28 -4.24 1.11
C VAL A 36 -6.24 -2.75 0.72
N ASP A 37 -7.15 -1.96 1.27
CA ASP A 37 -7.26 -0.55 0.88
C ASP A 37 -6.37 0.28 1.80
N LEU A 38 -5.21 0.69 1.30
CA LEU A 38 -4.32 1.48 2.13
C LEU A 38 -4.74 2.94 2.19
N SER A 39 -5.71 3.34 1.38
CA SER A 39 -6.16 4.72 1.41
C SER A 39 -6.84 5.10 2.72
N THR A 40 -7.25 4.13 3.53
CA THR A 40 -7.80 4.43 4.84
C THR A 40 -6.75 4.32 5.93
N GLN A 41 -5.53 3.98 5.56
CA GLN A 41 -4.46 3.73 6.52
C GLN A 41 -3.25 4.64 6.37
N ILE A 42 -3.02 5.20 5.19
CA ILE A 42 -1.82 5.99 4.92
C ILE A 42 -2.26 7.32 4.35
N PHE A 43 -1.80 8.41 4.96
CA PHE A 43 -2.19 9.77 4.63
C PHE A 43 -0.94 10.63 4.57
N CYS A 44 -0.95 11.61 3.66
CA CYS A 44 0.19 12.50 3.45
CA CYS A 44 0.20 12.49 3.42
C CYS A 44 -0.30 13.91 3.20
N HIS A 45 0.61 14.87 3.37
CA HIS A 45 0.28 16.27 3.17
C HIS A 45 1.52 17.02 2.68
N ASN A 46 1.27 18.15 2.05
CA ASN A 46 2.28 19.11 1.60
C ASN A 46 2.37 20.20 2.65
N ASP A 47 3.57 20.40 3.19
CA ASP A 47 3.74 21.36 4.28
C ASP A 47 3.71 22.81 3.82
N TYR A 48 4.00 23.09 2.54
CA TYR A 48 4.16 24.46 2.06
C TYR A 48 3.48 24.59 0.72
N PRO A 49 2.16 24.39 0.68
CA PRO A 49 1.46 24.27 -0.61
C PRO A 49 1.42 25.55 -1.41
N GLU A 50 1.55 26.72 -0.76
CA GLU A 50 1.67 27.97 -1.49
C GLU A 50 3.03 28.14 -2.18
N THR A 51 3.99 27.29 -1.87
CA THR A 51 5.35 27.47 -2.33
C THR A 51 5.83 26.39 -3.29
N ILE A 52 5.26 25.19 -3.24
CA ILE A 52 5.82 24.07 -3.97
C ILE A 52 4.69 23.08 -4.25
N THR A 53 4.81 22.36 -5.36
CA THR A 53 3.94 21.23 -5.64
C THR A 53 4.71 19.93 -5.38
N ASP A 54 4.12 19.05 -4.59
CA ASP A 54 4.71 17.75 -4.32
C ASP A 54 4.05 16.70 -5.22
N TYR A 55 4.86 15.78 -5.73
CA TYR A 55 4.41 14.69 -6.58
C TYR A 55 4.69 13.36 -5.89
N VAL A 56 3.74 12.43 -5.98
CA VAL A 56 3.84 11.18 -5.24
C VAL A 56 3.50 9.98 -6.14
N THR A 57 4.37 8.99 -6.16
CA THR A 57 4.11 7.74 -6.86
C THR A 57 4.17 6.56 -5.90
N LEU A 58 3.61 5.45 -6.37
CA LEU A 58 3.97 4.13 -5.88
C LEU A 58 5.17 3.70 -6.72
N GLN A 59 6.35 3.79 -6.12
CA GLN A 59 7.55 3.44 -6.85
C GLN A 59 7.63 1.93 -7.06
N ARG A 60 7.34 1.16 -6.03
CA ARG A 60 7.26 -0.28 -6.20
CA ARG A 60 7.22 -0.27 -6.22
C ARG A 60 6.44 -0.86 -5.05
N GLY A 61 5.86 -2.02 -5.32
CA GLY A 61 5.14 -2.77 -4.32
C GLY A 61 5.58 -4.22 -4.41
N SER A 62 6.05 -4.76 -3.29
CA SER A 62 6.47 -6.15 -3.17
C SER A 62 5.53 -6.92 -2.26
N ALA A 63 5.40 -8.22 -2.54
CA ALA A 63 4.57 -9.13 -1.75
C ALA A 63 5.46 -10.05 -0.92
N TYR A 64 4.97 -10.40 0.26
CA TYR A 64 5.69 -11.28 1.15
C TYR A 64 4.75 -12.33 1.72
N GLY A 65 5.35 -13.38 2.27
CA GLY A 65 4.61 -14.34 3.06
C GLY A 65 3.47 -14.97 2.29
N GLY A 66 2.31 -15.02 2.93
CA GLY A 66 1.17 -15.67 2.32
C GLY A 66 0.63 -14.94 1.11
N VAL A 67 0.84 -13.63 1.04
CA VAL A 67 0.43 -12.91 -0.15
C VAL A 67 1.26 -13.35 -1.34
N LEU A 68 2.58 -13.46 -1.17
CA LEU A 68 3.43 -13.90 -2.26
C LEU A 68 3.12 -15.34 -2.67
N SER A 69 2.87 -16.22 -1.70
CA SER A 69 2.70 -17.65 -1.96
C SER A 69 1.31 -17.99 -2.49
N ASN A 70 0.28 -17.31 -1.98
CA ASN A 70 -1.08 -17.79 -2.10
C ASN A 70 -2.03 -16.91 -2.89
N PHE A 71 -1.57 -15.77 -3.42
CA PHE A 71 -2.47 -14.83 -4.07
C PHE A 71 -1.86 -14.31 -5.38
N SER A 72 -2.75 -13.97 -6.30
CA SER A 72 -2.43 -13.30 -7.54
C SER A 72 -3.00 -11.89 -7.46
N GLY A 73 -2.17 -10.88 -7.74
CA GLY A 73 -2.44 -9.53 -7.29
C GLY A 73 -2.50 -8.46 -8.38
N THR A 74 -3.25 -7.41 -8.09
CA THR A 74 -3.16 -6.17 -8.84
C THR A 74 -3.22 -5.04 -7.83
N VAL A 75 -2.59 -3.94 -8.18
CA VAL A 75 -2.64 -2.76 -7.35
C VAL A 75 -3.37 -1.67 -8.13
N LYS A 76 -4.33 -1.03 -7.48
CA LYS A 76 -4.97 0.15 -8.05
C LYS A 76 -4.36 1.39 -7.40
N TYR A 77 -3.88 2.30 -8.24
CA TYR A 77 -3.28 3.55 -7.79
C TYR A 77 -3.98 4.70 -8.48
N SER A 78 -4.59 5.56 -7.69
CA SER A 78 -5.29 6.71 -8.22
C SER A 78 -6.15 6.31 -9.44
N GLY A 79 -6.91 5.22 -9.28
CA GLY A 79 -7.89 4.82 -10.26
C GLY A 79 -7.45 3.86 -11.35
N SER A 80 -6.15 3.61 -11.52
CA SER A 80 -5.63 2.73 -12.57
C SER A 80 -5.02 1.48 -11.96
N SER A 81 -5.08 0.38 -12.70
CA SER A 81 -4.69 -0.92 -12.19
C SER A 81 -3.40 -1.39 -12.83
N TYR A 82 -2.55 -2.00 -12.01
CA TYR A 82 -1.25 -2.50 -12.40
C TYR A 82 -1.02 -3.86 -11.75
N PRO A 83 -0.11 -4.65 -12.31
CA PRO A 83 0.33 -5.89 -11.63
C PRO A 83 0.89 -5.58 -10.25
N PHE A 84 0.65 -6.50 -9.34
CA PHE A 84 1.20 -6.50 -8.01
C PHE A 84 1.65 -7.93 -7.67
N PRO A 85 2.93 -8.14 -7.29
CA PRO A 85 4.05 -7.19 -7.26
C PRO A 85 4.27 -6.42 -8.56
N THR A 86 4.73 -5.18 -8.39
CA THR A 86 4.75 -4.19 -9.44
C THR A 86 5.91 -4.41 -10.39
N THR A 87 5.73 -3.94 -11.62
CA THR A 87 6.75 -4.03 -12.65
C THR A 87 7.14 -2.65 -13.20
N SER A 88 6.57 -1.57 -12.67
CA SER A 88 6.90 -0.22 -13.12
C SER A 88 6.40 0.75 -12.06
N GLU A 89 7.00 1.94 -12.06
CA GLU A 89 6.53 3.04 -11.23
C GLU A 89 5.25 3.63 -11.80
N THR A 90 4.33 4.01 -10.94
CA THR A 90 3.08 4.57 -11.39
C THR A 90 3.25 6.01 -11.81
N PRO A 91 2.20 6.57 -12.42
CA PRO A 91 2.13 8.03 -12.57
C PRO A 91 2.08 8.71 -11.21
N ARG A 92 2.30 10.03 -11.27
CA ARG A 92 2.43 10.89 -10.10
C ARG A 92 1.07 11.45 -9.69
N VAL A 93 0.85 11.52 -8.38
CA VAL A 93 -0.30 12.20 -7.79
C VAL A 93 0.19 13.51 -7.16
N VAL A 94 -0.57 14.57 -7.37
CA VAL A 94 -0.26 15.88 -6.81
C VAL A 94 -0.73 15.97 -5.37
N TYR A 95 0.14 16.48 -4.50
CA TYR A 95 -0.21 16.84 -3.12
C TYR A 95 0.02 18.35 -2.96
N ASN A 96 -1.06 19.06 -2.61
CA ASN A 96 -1.09 20.51 -2.70
C ASN A 96 -1.84 21.10 -1.51
N SER A 97 -1.88 20.38 -0.39
CA SER A 97 -2.63 20.79 0.78
C SER A 97 -1.91 20.37 2.05
N ARG A 98 -1.99 21.23 3.07
CA ARG A 98 -1.57 20.88 4.42
C ARG A 98 -2.48 19.85 5.08
N THR A 99 -3.72 19.70 4.62
CA THR A 99 -4.59 18.66 5.17
C THR A 99 -4.14 17.29 4.68
N ASP A 100 -3.98 16.37 5.63
CA ASP A 100 -3.60 15.02 5.27
C ASP A 100 -4.66 14.42 4.35
N LYS A 101 -4.21 13.77 3.29
CA LYS A 101 -5.16 13.11 2.42
C LYS A 101 -4.66 11.71 2.13
N PRO A 102 -5.55 10.82 1.77
CA PRO A 102 -5.16 9.42 1.56
C PRO A 102 -4.13 9.28 0.47
N TRP A 103 -3.26 8.29 0.68
CA TRP A 103 -2.44 7.78 -0.41
C TRP A 103 -3.28 6.75 -1.16
N PRO A 104 -3.59 6.97 -2.45
CA PRO A 104 -4.74 6.23 -3.05
C PRO A 104 -4.32 4.88 -3.62
N VAL A 105 -3.93 3.97 -2.72
CA VAL A 105 -3.37 2.65 -3.06
C VAL A 105 -4.30 1.60 -2.51
N ALA A 106 -4.65 0.61 -3.34
CA ALA A 106 -5.39 -0.54 -2.86
C ALA A 106 -4.87 -1.79 -3.56
N LEU A 107 -4.75 -2.89 -2.81
CA LEU A 107 -4.37 -4.17 -3.40
C LEU A 107 -5.60 -5.04 -3.59
N TYR A 108 -5.68 -5.68 -4.75
CA TYR A 108 -6.72 -6.63 -5.08
C TYR A 108 -6.05 -7.99 -5.25
N LEU A 109 -6.36 -8.92 -4.34
CA LEU A 109 -5.64 -10.19 -4.21
C LEU A 109 -6.61 -11.35 -4.31
N THR A 110 -6.43 -12.22 -5.31
CA THR A 110 -7.33 -13.35 -5.46
C THR A 110 -6.56 -14.66 -5.28
N PRO A 111 -7.13 -15.66 -4.62
CA PRO A 111 -6.38 -16.88 -4.32
C PRO A 111 -5.90 -17.61 -5.56
N VAL A 112 -4.65 -18.08 -5.51
CA VAL A 112 -4.14 -18.95 -6.56
C VAL A 112 -4.75 -20.34 -6.38
N SER A 113 -4.66 -21.15 -7.44
CA SER A 113 -5.31 -22.46 -7.42
CA SER A 113 -5.32 -22.45 -7.41
C SER A 113 -4.81 -23.33 -6.27
N SER A 114 -3.55 -23.18 -5.87
CA SER A 114 -2.99 -23.99 -4.79
C SER A 114 -3.34 -23.49 -3.39
N ALA A 115 -4.04 -22.37 -3.24
CA ALA A 115 -4.33 -21.84 -1.91
C ALA A 115 -5.40 -22.67 -1.20
N GLY A 116 -5.18 -22.92 0.10
CA GLY A 116 -6.13 -23.60 0.96
C GLY A 116 -5.73 -23.49 2.42
N GLY A 117 -6.69 -23.22 3.31
CA GLY A 117 -6.39 -23.13 4.73
C GLY A 117 -6.03 -21.70 5.11
N VAL A 118 -5.16 -21.53 6.12
CA VAL A 118 -4.68 -20.21 6.52
C VAL A 118 -3.70 -19.73 5.45
N ALA A 119 -4.17 -18.83 4.59
CA ALA A 119 -3.37 -18.35 3.47
C ALA A 119 -2.54 -17.12 3.82
N ILE A 120 -2.91 -16.38 4.86
CA ILE A 120 -2.11 -15.27 5.38
C ILE A 120 -2.12 -15.41 6.89
N LYS A 121 -0.95 -15.47 7.51
CA LYS A 121 -0.87 -15.65 8.95
C LYS A 121 -0.96 -14.30 9.66
N ALA A 122 -1.77 -14.24 10.72
CA ALA A 122 -1.88 -13.03 11.51
C ALA A 122 -0.49 -12.62 11.98
N GLY A 123 -0.21 -11.33 11.93
CA GLY A 123 1.06 -10.79 12.35
C GLY A 123 2.16 -10.84 11.31
N SER A 124 1.93 -11.48 10.17
CA SER A 124 2.99 -11.66 9.20
C SER A 124 3.10 -10.43 8.30
N LEU A 125 4.32 -10.17 7.81
CA LEU A 125 4.53 -9.18 6.76
C LEU A 125 3.85 -9.66 5.47
N ILE A 126 3.00 -8.82 4.88
CA ILE A 126 2.35 -9.17 3.63
C ILE A 126 2.84 -8.35 2.45
N ALA A 127 3.44 -7.19 2.68
CA ALA A 127 3.78 -6.29 1.58
C ALA A 127 4.71 -5.21 2.08
N VAL A 128 5.53 -4.70 1.16
CA VAL A 128 6.26 -3.45 1.35
C VAL A 128 5.90 -2.56 0.17
N LEU A 129 5.39 -1.37 0.46
CA LEU A 129 5.04 -0.37 -0.56
C LEU A 129 5.95 0.84 -0.41
N ILE A 130 6.60 1.23 -1.50
CA ILE A 130 7.53 2.37 -1.51
C ILE A 130 6.83 3.54 -2.20
N LEU A 131 6.60 4.59 -1.43
CA LEU A 131 6.10 5.87 -1.92
C LEU A 131 7.31 6.76 -2.27
N ARG A 132 7.36 7.24 -3.50
CA ARG A 132 8.43 8.13 -3.92
C ARG A 132 7.87 9.53 -4.07
N GLN A 133 8.49 10.48 -3.37
CA GLN A 133 8.02 11.86 -3.33
C GLN A 133 9.06 12.77 -3.96
N THR A 134 8.64 13.54 -4.94
CA THR A 134 9.43 14.54 -5.64
C THR A 134 8.65 15.85 -5.61
N ASN A 135 9.18 16.87 -6.28
CA ASN A 135 8.51 18.17 -6.30
C ASN A 135 8.86 18.90 -7.60
N ASN A 136 8.26 20.06 -7.78
CA ASN A 136 8.45 20.82 -9.01
C ASN A 136 9.52 21.89 -8.90
N ALA A 137 10.26 21.93 -7.80
CA ALA A 137 11.26 23.00 -7.60
C ALA A 137 12.69 22.53 -7.62
N ASN A 138 12.99 21.34 -7.12
CA ASN A 138 14.38 20.94 -6.95
C ASN A 138 14.44 19.45 -7.18
N SER A 139 15.57 18.85 -6.82
CA SER A 139 15.86 17.47 -7.18
C SER A 139 15.56 16.49 -6.06
N ASP A 140 14.96 16.96 -4.96
CA ASP A 140 14.55 16.07 -3.88
C ASP A 140 13.87 14.82 -4.42
N ASP A 141 14.20 13.70 -3.82
CA ASP A 141 13.70 12.41 -4.26
C ASP A 141 13.70 11.51 -3.02
N PHE A 142 12.55 11.44 -2.35
CA PHE A 142 12.47 10.81 -1.04
C PHE A 142 11.61 9.55 -1.06
N GLN A 143 12.03 8.55 -0.30
CA GLN A 143 11.31 7.30 -0.18
C GLN A 143 10.65 7.16 1.19
N PHE A 144 9.36 6.88 1.16
CA PHE A 144 8.56 6.58 2.33
C PHE A 144 8.19 5.11 2.20
N VAL A 145 8.71 4.29 3.10
CA VAL A 145 8.64 2.85 2.99
C VAL A 145 7.62 2.34 3.99
N TRP A 146 6.60 1.66 3.49
CA TRP A 146 5.50 1.18 4.32
C TRP A 146 5.53 -0.35 4.35
N ASN A 147 5.83 -0.88 5.53
CA ASN A 147 5.85 -2.31 5.78
C ASN A 147 4.48 -2.72 6.28
N ILE A 148 3.76 -3.50 5.47
CA ILE A 148 2.37 -3.84 5.72
C ILE A 148 2.30 -5.22 6.37
N TYR A 149 1.66 -5.28 7.53
CA TYR A 149 1.51 -6.47 8.36
C TYR A 149 0.04 -6.80 8.51
N ALA A 150 -0.28 -8.11 8.45
CA ALA A 150 -1.63 -8.61 8.70
C ALA A 150 -1.97 -8.57 10.19
N ASN A 151 -3.16 -8.06 10.53
CA ASN A 151 -3.61 -8.12 11.93
C ASN A 151 -4.22 -9.45 12.29
N ASN A 152 -4.63 -10.23 11.30
CA ASN A 152 -5.43 -11.41 11.51
C ASN A 152 -5.17 -12.39 10.36
N ASP A 153 -5.48 -13.65 10.62
CA ASP A 153 -5.45 -14.70 9.60
C ASP A 153 -6.45 -14.42 8.47
N VAL A 154 -6.08 -14.84 7.27
CA VAL A 154 -6.99 -14.90 6.13
C VAL A 154 -7.06 -16.37 5.70
N VAL A 155 -8.28 -16.92 5.65
CA VAL A 155 -8.53 -18.32 5.30
C VAL A 155 -9.03 -18.39 3.87
N VAL A 156 -8.53 -19.35 3.11
CA VAL A 156 -9.12 -19.73 1.83
C VAL A 156 -9.74 -21.12 2.03
N PRO A 157 -11.05 -21.24 2.10
CA PRO A 157 -11.66 -22.53 2.48
C PRO A 157 -11.45 -23.59 1.41
N THR A 158 -11.39 -24.86 1.85
CA THR A 158 -11.14 -25.99 0.91
C THR A 158 -12.01 -27.22 1.20
#